data_8CQM
#
_entry.id   8CQM
#
_cell.length_a   34.909
_cell.length_b   82.922
_cell.length_c   140.815
_cell.angle_alpha   90.000
_cell.angle_beta   90.000
_cell.angle_gamma   90.000
#
_symmetry.space_group_name_H-M   'P 21 21 21'
#
loop_
_entity.id
_entity.type
_entity.pdbx_description
1 polymer 'Phospholipase C'
2 non-polymer GLYCEROL
3 non-polymer 'ZINC ION'
4 non-polymer 'FE (III) ION'
5 water water
#
_entity_poly.entity_id   1
_entity_poly.type   'polypeptide(L)'
_entity_poly.pdbx_seq_one_letter_code
;WSADNPTNTDVNTHYWLFKQAEKILAKDVNHMRANLMNELKKFDKQIAQGIYDADHKNPYYDTSTFLSHFYNPDRDNTYL
PGFANAKITGAKYFNQSVTDYREGKFDTAFYKLGLAIHYYTDISQPMHANNFTAISYPPGYHSAYENYVDTIKHNYQATE
DMVAKRFSSDDVKDWLYENAKRAKADYPKIVNAKTKKSYLVGNSEWKKDTVEPTGARLRDSQQTLAGFLEFWSKKTNE
;
_entity_poly.pdbx_strand_id   A,B
#
# COMPACT_ATOMS: atom_id res chain seq x y z
N TRP A 1 12.11 7.45 16.97
CA TRP A 1 12.49 7.53 15.57
C TRP A 1 13.77 8.34 15.29
N ASP A 10 21.92 13.53 11.20
CA ASP A 10 20.77 14.37 10.84
C ASP A 10 19.58 13.51 10.39
N VAL A 11 19.24 12.52 11.25
CA VAL A 11 18.02 11.76 11.07
C VAL A 11 16.83 12.69 11.31
N ASN A 12 15.83 12.64 10.43
CA ASN A 12 14.75 13.62 10.48
C ASN A 12 13.36 12.96 10.46
N THR A 13 13.26 11.72 10.96
CA THR A 13 12.00 10.99 10.89
C THR A 13 10.87 11.72 11.60
N HIS A 14 11.16 12.36 12.74
CA HIS A 14 10.12 13.04 13.50
C HIS A 14 9.52 14.22 12.72
N TYR A 15 10.36 15.10 12.19
CA TYR A 15 9.85 16.20 11.37
C TYR A 15 9.14 15.67 10.14
N TRP A 16 9.70 14.62 9.54
CA TRP A 16 9.07 14.03 8.36
C TRP A 16 7.65 13.57 8.69
N LEU A 17 7.44 12.96 9.86
CA LEU A 17 6.10 12.56 10.27
C LEU A 17 5.17 13.75 10.35
N PHE A 18 5.65 14.86 10.92
CA PHE A 18 4.85 16.09 10.95
C PHE A 18 4.51 16.56 9.54
N LYS A 19 5.48 16.54 8.63
CA LYS A 19 5.18 16.98 7.27
C LYS A 19 4.17 16.07 6.59
N GLN A 20 4.22 14.75 6.86
CA GLN A 20 3.24 13.83 6.30
C GLN A 20 1.85 14.10 6.89
N ALA A 21 1.78 14.31 8.20
CA ALA A 21 0.49 14.57 8.84
C ALA A 21 -0.12 15.87 8.31
N GLU A 22 0.73 16.87 8.07
CA GLU A 22 0.27 18.12 7.46
C GLU A 22 -0.34 17.88 6.08
N LYS A 23 0.27 17.01 5.28
CA LYS A 23 -0.30 16.68 3.98
C LYS A 23 -1.66 16.00 4.14
N ILE A 24 -1.80 15.11 5.13
CA ILE A 24 -3.10 14.44 5.34
C ILE A 24 -4.17 15.45 5.68
N LEU A 25 -3.85 16.40 6.58
CA LEU A 25 -4.79 17.45 6.93
C LEU A 25 -5.11 18.35 5.74
N ALA A 26 -4.10 18.67 4.94
CA ALA A 26 -4.29 19.61 3.85
C ALA A 26 -5.20 19.04 2.78
N LYS A 27 -5.08 17.74 2.49
CA LYS A 27 -5.85 17.20 1.39
C LYS A 27 -7.34 17.12 1.73
N ASP A 28 -7.69 17.05 3.01
CA ASP A 28 -9.08 16.97 3.44
C ASP A 28 -9.46 18.24 4.17
N VAL A 29 -8.96 19.36 3.67
CA VAL A 29 -9.15 20.64 4.34
C VAL A 29 -10.57 21.13 4.07
N ASN A 30 -11.15 21.76 5.09
CA ASN A 30 -12.39 22.49 4.95
C ASN A 30 -12.20 23.79 5.70
N HIS A 31 -13.25 24.62 5.69
CA HIS A 31 -13.11 25.95 6.26
C HIS A 31 -12.82 25.88 7.76
N MET A 32 -13.26 24.80 8.43
CA MET A 32 -13.02 24.67 9.87
C MET A 32 -11.55 24.37 10.19
N ARG A 33 -10.85 23.62 9.32
CA ARG A 33 -9.43 23.31 9.40
C ARG A 33 -8.52 24.35 8.79
N ALA A 34 -9.06 25.26 7.99
CA ALA A 34 -8.25 26.12 7.15
C ALA A 34 -7.29 26.99 7.97
N ASN A 35 -7.74 27.53 9.11
CA ASN A 35 -6.86 28.40 9.89
C ASN A 35 -5.67 27.63 10.44
N LEU A 36 -5.88 26.39 10.89
CA LEU A 36 -4.78 25.58 11.40
C LEU A 36 -3.71 25.39 10.33
N MET A 37 -4.12 25.12 9.10
CA MET A 37 -3.16 24.89 8.03
C MET A 37 -2.27 26.11 7.84
N ASN A 38 -2.87 27.30 7.90
CA ASN A 38 -2.07 28.52 7.76
C ASN A 38 -1.15 28.73 8.97
N GLU A 39 -1.64 28.39 10.18
CA GLU A 39 -0.79 28.46 11.37
C GLU A 39 0.42 27.53 11.23
N LEU A 40 0.19 26.27 10.83
CA LEU A 40 1.31 25.34 10.68
C LEU A 40 2.33 25.86 9.67
N LYS A 41 1.85 26.53 8.62
CA LYS A 41 2.74 27.13 7.63
C LYS A 41 3.50 28.31 8.21
N LYS A 42 2.81 29.19 8.92
CA LYS A 42 3.42 30.38 9.46
C LYS A 42 4.45 30.04 10.54
N PHE A 43 4.16 29.03 11.37
CA PHE A 43 5.03 28.69 12.48
C PHE A 43 5.84 27.42 12.24
N ASP A 44 6.08 27.07 10.97
CA ASP A 44 6.84 25.87 10.69
C ASP A 44 8.21 25.88 11.39
N LYS A 45 8.91 27.02 11.38
CA LYS A 45 10.23 27.05 12.00
C LYS A 45 10.16 26.81 13.50
N GLN A 46 9.20 27.43 14.19
CA GLN A 46 9.06 27.21 15.62
C GLN A 46 8.70 25.76 15.93
N ILE A 47 7.79 25.18 15.15
CA ILE A 47 7.43 23.78 15.35
C ILE A 47 8.64 22.90 15.09
N ALA A 48 9.34 23.15 13.98
CA ALA A 48 10.51 22.35 13.63
C ALA A 48 11.57 22.39 14.72
N GLN A 49 11.77 23.56 15.33
CA GLN A 49 12.79 23.65 16.35
C GLN A 49 12.34 22.96 17.63
N GLY A 50 11.05 23.08 17.97
CA GLY A 50 10.54 22.30 19.10
C GLY A 50 10.80 20.81 18.91
N ILE A 51 10.50 20.30 17.72
CA ILE A 51 10.77 18.89 17.42
C ILE A 51 12.25 18.60 17.55
N TYR A 52 13.09 19.49 17.00
CA TYR A 52 14.54 19.27 17.01
C TYR A 52 15.11 19.34 18.42
N ASP A 53 14.65 20.29 19.23
CA ASP A 53 15.21 20.48 20.58
C ASP A 53 14.86 19.32 21.52
N ALA A 54 13.67 18.75 21.38
CA ALA A 54 13.32 17.60 22.21
C ALA A 54 14.23 16.41 21.91
N ASP A 55 14.79 16.37 20.70
CA ASP A 55 15.58 15.22 20.25
C ASP A 55 16.87 15.11 21.06
N HIS A 56 17.47 16.24 21.43
CA HIS A 56 18.76 16.27 22.12
C HIS A 56 18.57 16.61 23.59
N ASP A 62 21.06 14.05 30.68
CA ASP A 62 20.92 13.42 32.00
C ASP A 62 19.86 12.30 31.99
N THR A 63 19.59 11.72 33.16
CA THR A 63 18.66 10.59 33.22
C THR A 63 17.21 11.00 33.09
N SER A 64 16.85 12.20 33.56
CA SER A 64 15.47 12.67 33.43
C SER A 64 15.07 12.82 31.97
N THR A 65 15.93 13.43 31.16
CA THR A 65 15.61 13.65 29.76
C THR A 65 15.63 12.35 28.97
N PHE A 66 16.50 11.41 29.32
CA PHE A 66 16.54 10.14 28.59
C PHE A 66 15.27 9.32 28.81
N LEU A 67 14.89 9.12 30.08
CA LEU A 67 13.67 8.38 30.40
C LEU A 67 12.45 9.03 29.78
N SER A 68 12.48 10.34 29.57
CA SER A 68 11.32 11.06 29.08
C SER A 68 10.97 10.68 27.66
N HIS A 69 11.83 9.93 26.96
CA HIS A 69 11.52 9.56 25.59
C HIS A 69 10.86 8.19 25.51
N PHE A 70 10.62 7.55 26.65
CA PHE A 70 10.06 6.21 26.68
C PHE A 70 8.78 6.20 27.49
N TYR A 71 7.82 5.37 27.05
CA TYR A 71 6.60 5.14 27.82
C TYR A 71 6.08 3.75 27.49
N ASN A 72 6.17 2.83 28.44
CA ASN A 72 5.58 1.50 28.30
C ASN A 72 4.16 1.60 28.85
N PRO A 73 3.13 1.55 28.00
CA PRO A 73 1.75 1.82 28.47
C PRO A 73 1.22 0.74 29.41
N ASP A 74 1.88 -0.41 29.47
CA ASP A 74 1.43 -1.50 30.32
C ASP A 74 2.14 -1.53 31.67
N ARG A 75 2.90 -0.49 32.02
CA ARG A 75 3.57 -0.44 33.32
C ARG A 75 3.19 0.84 34.04
N ASP A 76 3.49 0.88 35.34
CA ASP A 76 3.08 1.97 36.23
C ASP A 76 3.68 3.32 35.84
N PRO A 81 9.79 5.70 39.91
CA PRO A 81 10.70 6.84 39.75
C PRO A 81 9.99 8.19 39.72
N GLY A 82 10.61 9.19 40.36
CA GLY A 82 10.15 10.56 40.32
C GLY A 82 10.37 11.19 38.95
N PHE A 83 10.68 10.35 37.96
CA PHE A 83 11.11 10.79 36.64
C PHE A 83 9.98 10.62 35.63
N ALA A 84 9.77 11.66 34.83
CA ALA A 84 8.69 11.69 33.86
C ALA A 84 8.98 10.79 32.67
N ASN A 85 7.95 10.04 32.26
CA ASN A 85 8.01 9.24 31.04
C ASN A 85 7.48 10.08 29.87
N ALA A 86 7.33 9.50 28.69
CA ALA A 86 6.92 10.28 27.52
C ALA A 86 5.45 10.67 27.56
N LYS A 87 4.61 9.88 28.24
CA LYS A 87 3.22 10.28 28.38
C LYS A 87 3.09 11.54 29.22
N ILE A 88 3.78 11.55 30.36
CA ILE A 88 3.72 12.70 31.26
C ILE A 88 4.36 13.93 30.60
N THR A 89 5.53 13.76 29.99
CA THR A 89 6.23 14.89 29.38
C THR A 89 5.52 15.37 28.12
N GLY A 90 5.02 14.45 27.30
CA GLY A 90 4.26 14.86 26.12
C GLY A 90 3.00 15.62 26.51
N ALA A 91 2.31 15.15 27.54
CA ALA A 91 1.09 15.82 27.97
C ALA A 91 1.40 17.18 28.58
N LYS A 92 2.49 17.27 29.35
CA LYS A 92 2.92 18.55 29.91
C LYS A 92 3.05 19.62 28.82
N TYR A 93 3.80 19.31 27.76
CA TYR A 93 4.04 20.31 26.73
C TYR A 93 2.79 20.58 25.89
N PHE A 94 2.01 19.54 25.60
CA PHE A 94 0.75 19.73 24.87
C PHE A 94 -0.19 20.66 25.62
N ASN A 95 -0.38 20.42 26.92
CA ASN A 95 -1.33 21.22 27.69
C ASN A 95 -0.82 22.65 27.87
N GLN A 96 0.49 22.82 28.11
CA GLN A 96 1.08 24.14 28.20
C GLN A 96 0.96 24.88 26.88
N SER A 97 1.19 24.17 25.77
CA SER A 97 1.05 24.77 24.45
C SER A 97 -0.35 25.33 24.24
N VAL A 98 -1.37 24.58 24.67
CA VAL A 98 -2.75 25.07 24.53
C VAL A 98 -2.96 26.32 25.37
N THR A 99 -2.49 26.30 26.62
CA THR A 99 -2.64 27.47 27.47
C THR A 99 -1.94 28.69 26.88
N ASP A 100 -0.69 28.51 26.45
CA ASP A 100 0.04 29.61 25.85
C ASP A 100 -0.70 30.17 24.64
N TYR A 101 -1.22 29.29 23.78
CA TYR A 101 -1.99 29.76 22.63
C TYR A 101 -3.16 30.62 23.08
N ARG A 102 -3.91 30.17 24.08
CA ARG A 102 -5.10 30.90 24.51
C ARG A 102 -4.76 32.22 25.18
N GLU A 103 -3.52 32.39 25.67
CA GLU A 103 -3.06 33.66 26.20
C GLU A 103 -2.36 34.53 25.15
N GLY A 104 -2.38 34.13 23.89
CA GLY A 104 -1.79 34.90 22.82
C GLY A 104 -0.30 34.76 22.64
N LYS A 105 0.33 33.79 23.30
CA LYS A 105 1.79 33.61 23.18
C LYS A 105 2.08 32.58 22.09
N PHE A 106 1.92 32.99 20.84
CA PHE A 106 1.85 32.02 19.74
C PHE A 106 3.22 31.43 19.41
N ASP A 107 4.27 32.26 19.43
CA ASP A 107 5.62 31.74 19.20
C ASP A 107 5.93 30.60 20.16
N THR A 108 5.63 30.81 21.44
CA THR A 108 5.85 29.78 22.46
C THR A 108 4.86 28.63 22.31
N ALA A 109 3.61 28.94 21.97
CA ALA A 109 2.61 27.89 21.78
C ALA A 109 3.08 26.89 20.73
N PHE A 110 3.52 27.38 19.58
CA PHE A 110 3.88 26.46 18.51
C PHE A 110 5.22 25.78 18.76
N TYR A 111 6.17 26.44 19.43
CA TYR A 111 7.39 25.75 19.82
C TYR A 111 7.07 24.55 20.73
N LYS A 112 6.23 24.77 21.75
CA LYS A 112 5.89 23.67 22.65
C LYS A 112 5.05 22.61 21.96
N LEU A 113 4.22 23.01 20.99
CA LEU A 113 3.54 22.02 20.16
C LEU A 113 4.57 21.11 19.50
N GLY A 114 5.66 21.70 18.99
CA GLY A 114 6.73 20.88 18.41
C GLY A 114 7.31 19.90 19.41
N LEU A 115 7.56 20.35 20.65
CA LEU A 115 8.03 19.44 21.68
C LEU A 115 7.03 18.31 21.90
N ALA A 116 5.74 18.65 22.01
CA ALA A 116 4.70 17.64 22.21
C ALA A 116 4.64 16.66 21.04
N ILE A 117 4.80 17.16 19.81
CA ILE A 117 4.83 16.29 18.63
C ILE A 117 5.98 15.31 18.75
N HIS A 118 7.12 15.77 19.26
CA HIS A 118 8.25 14.86 19.37
C HIS A 118 7.92 13.70 20.31
N TYR A 119 7.38 14.01 21.49
CA TYR A 119 7.11 12.93 22.46
C TYR A 119 6.03 11.99 21.96
N TYR A 120 4.99 12.53 21.31
CA TYR A 120 3.91 11.70 20.77
C TYR A 120 4.40 10.79 19.65
N THR A 121 5.24 11.28 18.74
CA THR A 121 5.71 10.40 17.69
C THR A 121 6.77 9.41 18.20
N ASP A 122 7.52 9.78 19.24
CA ASP A 122 8.48 8.84 19.80
C ASP A 122 7.82 7.55 20.26
N ILE A 123 6.68 7.66 20.93
CA ILE A 123 6.09 6.43 21.47
C ILE A 123 5.23 5.77 20.40
N SER A 124 5.24 6.30 19.18
CA SER A 124 4.74 5.52 18.06
C SER A 124 5.81 4.58 17.51
N GLN A 125 7.04 4.65 18.05
CA GLN A 125 8.11 3.73 17.69
C GLN A 125 8.09 2.56 18.67
N PRO A 126 7.93 1.31 18.20
CA PRO A 126 7.71 0.20 19.14
C PRO A 126 8.74 0.06 20.25
N MET A 127 10.03 0.29 19.97
CA MET A 127 11.04 0.20 21.02
C MET A 127 10.80 1.20 22.15
N HIS A 128 10.33 2.40 21.80
CA HIS A 128 10.10 3.43 22.80
C HIS A 128 8.88 3.14 23.65
N ALA A 129 7.97 2.30 23.16
CA ALA A 129 6.79 1.87 23.87
C ALA A 129 7.04 0.60 24.69
N ASN A 130 8.26 0.09 24.72
CA ASN A 130 8.53 -1.15 25.43
C ASN A 130 9.92 -1.16 26.06
N ASN A 131 10.40 0.01 26.49
CA ASN A 131 11.66 0.13 27.23
C ASN A 131 12.84 -0.51 26.49
N PHE A 132 12.85 -0.47 25.18
CA PHE A 132 13.99 -1.00 24.44
C PHE A 132 14.89 0.17 24.05
N THR A 133 15.98 0.37 24.79
CA THR A 133 16.85 1.52 24.63
C THR A 133 18.10 1.16 23.84
N ALA A 134 18.97 2.16 23.69
CA ALA A 134 20.23 1.94 22.99
C ALA A 134 21.11 0.92 23.69
N ILE A 135 20.94 0.70 25.00
CA ILE A 135 21.76 -0.29 25.69
C ILE A 135 21.02 -1.59 25.94
N SER A 136 19.74 -1.67 25.60
CA SER A 136 19.05 -2.95 25.68
C SER A 136 19.72 -3.94 24.74
N TYR A 137 19.62 -5.22 25.06
CA TYR A 137 20.32 -6.25 24.29
C TYR A 137 19.53 -6.61 23.03
N PRO A 138 20.16 -6.70 21.85
CA PRO A 138 21.59 -6.41 21.65
C PRO A 138 21.86 -4.92 21.56
N PRO A 139 22.86 -4.44 22.30
CA PRO A 139 23.14 -3.00 22.30
C PRO A 139 23.49 -2.51 20.91
N GLY A 140 22.94 -1.37 20.54
CA GLY A 140 23.15 -0.82 19.23
C GLY A 140 22.06 -1.12 18.23
N TYR A 141 21.21 -2.13 18.49
CA TYR A 141 20.15 -2.42 17.54
C TYR A 141 19.15 -1.28 17.45
N HIS A 142 18.86 -0.63 18.60
CA HIS A 142 17.95 0.52 18.61
C HIS A 142 18.36 1.58 17.59
N SER A 143 19.62 2.06 17.70
CA SER A 143 20.05 3.11 16.80
C SER A 143 20.23 2.61 15.37
N ALA A 144 20.69 1.36 15.20
CA ALA A 144 20.74 0.80 13.84
C ALA A 144 19.38 0.82 13.19
N TYR A 145 18.34 0.41 13.94
CA TYR A 145 16.99 0.41 13.39
C TYR A 145 16.52 1.81 13.03
N GLU A 146 16.71 2.78 13.94
CA GLU A 146 16.19 4.11 13.66
C GLU A 146 16.93 4.78 12.51
N ASN A 147 18.23 4.54 12.39
CA ASN A 147 18.96 5.06 11.24
C ASN A 147 18.46 4.43 9.96
N TYR A 148 18.16 3.13 9.99
CA TYR A 148 17.61 2.44 8.83
C TYR A 148 16.26 3.01 8.42
N VAL A 149 15.37 3.21 9.40
CA VAL A 149 14.06 3.78 9.12
C VAL A 149 14.21 5.12 8.42
N ASP A 150 15.13 5.95 8.90
CA ASP A 150 15.41 7.23 8.27
C ASP A 150 15.71 7.08 6.80
N THR A 151 16.46 6.05 6.41
CA THR A 151 16.84 5.96 5.01
C THR A 151 15.69 5.49 4.13
N ILE A 152 14.67 4.82 4.68
CA ILE A 152 13.63 4.24 3.84
C ILE A 152 12.26 4.88 4.06
N LYS A 153 12.12 5.83 4.98
CA LYS A 153 10.81 6.42 5.23
C LYS A 153 10.21 7.05 3.98
N HIS A 154 11.05 7.54 3.06
CA HIS A 154 10.52 8.23 1.89
C HIS A 154 9.69 7.32 1.00
N ASN A 155 9.79 6.00 1.19
CA ASN A 155 8.92 5.07 0.49
C ASN A 155 7.55 4.90 1.13
N TYR A 156 7.26 5.59 2.24
CA TYR A 156 5.98 5.47 2.95
C TYR A 156 5.42 6.84 3.24
N GLN A 157 5.45 7.72 2.26
CA GLN A 157 4.87 9.06 2.36
C GLN A 157 3.33 8.99 2.39
N ALA A 158 2.73 10.11 2.72
CA ALA A 158 1.28 10.19 2.85
C ALA A 158 0.62 9.93 1.50
N THR A 159 -0.51 9.21 1.52
CA THR A 159 -1.25 8.93 0.30
C THR A 159 -2.70 9.39 0.45
N GLU A 160 -3.40 9.52 -0.68
CA GLU A 160 -4.74 10.11 -0.64
C GLU A 160 -5.76 9.25 0.10
N ASP A 161 -5.51 7.95 0.28
CA ASP A 161 -6.44 7.12 1.03
C ASP A 161 -6.37 7.34 2.53
N MET A 162 -5.31 8.00 3.03
CA MET A 162 -5.13 8.19 4.47
C MET A 162 -6.11 9.21 5.04
N VAL A 163 -6.35 9.12 6.35
CA VAL A 163 -7.22 10.03 7.07
C VAL A 163 -6.58 10.37 8.42
N ALA A 164 -7.07 11.45 9.05
CA ALA A 164 -6.73 11.72 10.44
C ALA A 164 -7.42 10.69 11.33
N LYS A 165 -6.63 10.01 12.16
CA LYS A 165 -7.16 9.03 13.09
C LYS A 165 -7.29 9.69 14.47
N ARG A 166 -8.45 9.48 15.11
CA ARG A 166 -8.80 10.15 16.35
C ARG A 166 -9.00 9.13 17.46
N PHE A 167 -8.85 9.56 18.71
CA PHE A 167 -9.19 8.72 19.84
C PHE A 167 -10.31 9.38 20.62
N SER A 168 -11.05 8.58 21.40
CA SER A 168 -12.26 9.05 22.08
C SER A 168 -11.88 9.49 23.48
N SER A 169 -11.35 10.70 23.59
CA SER A 169 -11.00 11.25 24.88
C SER A 169 -10.71 12.73 24.72
N ASP A 170 -11.05 13.50 25.77
CA ASP A 170 -10.69 14.90 25.86
C ASP A 170 -9.37 15.12 26.55
N ASP A 171 -8.67 14.05 26.91
CA ASP A 171 -7.45 14.13 27.70
C ASP A 171 -6.30 13.62 26.85
N VAL A 172 -5.31 14.48 26.59
CA VAL A 172 -4.20 14.08 25.71
C VAL A 172 -3.43 12.90 26.28
N LYS A 173 -3.43 12.71 27.62
CA LYS A 173 -2.81 11.53 28.22
C LYS A 173 -3.32 10.25 27.58
N ASP A 174 -4.62 10.19 27.27
CA ASP A 174 -5.20 9.00 26.67
C ASP A 174 -4.79 8.83 25.21
N TRP A 175 -4.61 9.94 24.50
CA TRP A 175 -4.07 9.89 23.14
C TRP A 175 -2.65 9.35 23.15
N LEU A 176 -1.82 9.79 24.11
CA LEU A 176 -0.47 9.26 24.22
C LEU A 176 -0.49 7.77 24.55
N TYR A 177 -1.35 7.37 25.50
CA TYR A 177 -1.52 5.97 25.85
C TYR A 177 -1.92 5.14 24.63
N GLU A 178 -2.90 5.62 23.86
CA GLU A 178 -3.41 4.83 22.73
C GLU A 178 -2.37 4.73 21.62
N ASN A 179 -1.61 5.80 21.38
CA ASN A 179 -0.55 5.75 20.38
C ASN A 179 0.52 4.75 20.78
N ALA A 180 0.87 4.71 22.08
CA ALA A 180 1.89 3.78 22.56
C ALA A 180 1.41 2.33 22.48
N LYS A 181 0.12 2.09 22.79
CA LYS A 181 -0.42 0.73 22.70
C LYS A 181 -0.36 0.21 21.27
N ARG A 182 -0.69 1.05 20.29
CA ARG A 182 -0.61 0.64 18.89
C ARG A 182 0.81 0.31 18.50
N ALA A 183 1.77 1.11 18.96
CA ALA A 183 3.17 0.84 18.67
C ALA A 183 3.62 -0.44 19.33
N LYS A 184 3.25 -0.61 20.61
CA LYS A 184 3.71 -1.78 21.34
C LYS A 184 3.21 -3.07 20.71
N ALA A 185 2.01 -3.04 20.13
CA ALA A 185 1.52 -4.24 19.45
C ALA A 185 2.43 -4.64 18.30
N ASP A 186 3.19 -3.71 17.74
CA ASP A 186 4.09 -4.02 16.63
C ASP A 186 5.50 -4.33 17.10
N TYR A 187 5.78 -4.24 18.39
CA TYR A 187 7.13 -4.53 18.88
C TYR A 187 7.63 -5.90 18.46
N PRO A 188 6.85 -6.99 18.54
CA PRO A 188 7.38 -8.31 18.13
C PRO A 188 7.75 -8.39 16.66
N LYS A 189 7.26 -7.49 15.83
CA LYS A 189 7.64 -7.46 14.42
C LYS A 189 9.00 -6.83 14.22
N ILE A 190 9.52 -6.12 15.21
CA ILE A 190 10.77 -5.36 15.09
C ILE A 190 11.88 -6.02 15.90
N VAL A 191 11.56 -6.41 17.14
CA VAL A 191 12.50 -7.06 18.04
C VAL A 191 11.99 -8.48 18.31
N ASN A 192 12.69 -9.47 17.76
CA ASN A 192 12.38 -10.88 17.98
C ASN A 192 13.66 -11.69 17.81
N ALA A 193 13.57 -13.00 18.06
CA ALA A 193 14.74 -13.86 17.96
C ALA A 193 15.42 -13.73 16.60
N LYS A 194 14.63 -13.67 15.53
CA LYS A 194 15.19 -13.61 14.19
C LYS A 194 15.93 -12.30 13.95
N THR A 195 15.29 -11.16 14.24
CA THR A 195 15.96 -9.90 13.96
C THR A 195 17.18 -9.72 14.84
N LYS A 196 17.09 -10.14 16.10
CA LYS A 196 18.24 -9.96 16.99
C LYS A 196 19.41 -10.84 16.54
N LYS A 197 19.13 -12.06 16.09
CA LYS A 197 20.19 -12.93 15.59
C LYS A 197 20.80 -12.37 14.31
N SER A 198 19.95 -11.82 13.44
CA SER A 198 20.42 -11.20 12.21
C SER A 198 21.36 -10.05 12.52
N TYR A 199 20.97 -9.16 13.44
CA TYR A 199 21.81 -8.03 13.81
C TYR A 199 23.12 -8.48 14.44
N LEU A 200 23.08 -9.55 15.25
CA LEU A 200 24.31 -10.00 15.90
C LEU A 200 25.26 -10.68 14.92
N VAL A 201 24.73 -11.52 14.01
CA VAL A 201 25.63 -12.20 13.08
C VAL A 201 26.17 -11.22 12.06
N GLY A 202 25.54 -10.07 11.89
CA GLY A 202 26.05 -9.03 11.03
C GLY A 202 25.57 -9.02 9.60
N ASN A 203 24.52 -9.77 9.27
CA ASN A 203 23.95 -9.71 7.93
C ASN A 203 22.80 -8.71 7.94
N SER A 204 22.21 -8.48 6.78
CA SER A 204 21.19 -7.44 6.67
C SER A 204 19.77 -7.99 6.70
N GLU A 205 19.60 -9.25 7.14
CA GLU A 205 18.28 -9.86 7.09
C GLU A 205 17.26 -9.10 7.92
N TRP A 206 17.68 -8.50 9.04
CA TRP A 206 16.73 -7.75 9.85
C TRP A 206 16.12 -6.58 9.10
N LYS A 207 16.87 -5.99 8.15
CA LYS A 207 16.31 -4.91 7.36
C LYS A 207 15.18 -5.41 6.48
N LYS A 208 15.36 -6.58 5.87
CA LYS A 208 14.32 -7.12 5.01
C LYS A 208 13.10 -7.53 5.83
N ASP A 209 13.32 -8.08 7.02
CA ASP A 209 12.22 -8.51 7.87
C ASP A 209 11.44 -7.35 8.44
N THR A 210 12.07 -6.17 8.63
CA THR A 210 11.35 -5.11 9.33
C THR A 210 10.80 -4.03 8.39
N VAL A 211 11.14 -4.05 7.11
CA VAL A 211 10.76 -2.96 6.22
C VAL A 211 9.23 -2.84 6.12
N GLU A 212 8.52 -3.94 5.91
CA GLU A 212 7.06 -3.82 5.78
C GLU A 212 6.37 -3.47 7.09
N PRO A 213 6.68 -4.10 8.23
CA PRO A 213 6.11 -3.58 9.50
C PRO A 213 6.49 -2.14 9.78
N THR A 214 7.72 -1.73 9.43
CA THR A 214 8.09 -0.33 9.58
C THR A 214 7.19 0.58 8.74
N GLY A 215 6.91 0.17 7.50
CA GLY A 215 6.09 1.00 6.65
C GLY A 215 4.68 1.15 7.20
N ALA A 216 4.13 0.06 7.72
CA ALA A 216 2.82 0.11 8.35
C ALA A 216 2.82 0.98 9.59
N ARG A 217 3.88 0.91 10.40
CA ARG A 217 3.97 1.73 11.60
C ARG A 217 4.04 3.21 11.24
N LEU A 218 4.87 3.56 10.24
CA LEU A 218 4.98 4.96 9.81
C LEU A 218 3.66 5.47 9.24
N ARG A 219 2.96 4.65 8.47
CA ARG A 219 1.67 5.07 7.93
C ARG A 219 0.64 5.26 9.04
N ASP A 220 0.64 4.39 10.05
CA ASP A 220 -0.29 4.61 11.15
C ASP A 220 0.08 5.86 11.93
N SER A 221 1.38 6.06 12.20
CA SER A 221 1.82 7.20 12.99
C SER A 221 1.50 8.53 12.31
N GLN A 222 1.69 8.62 10.99
CA GLN A 222 1.31 9.85 10.27
C GLN A 222 -0.14 10.19 10.52
N GLN A 223 -1.00 9.18 10.45
CA GLN A 223 -2.43 9.38 10.57
C GLN A 223 -2.85 9.72 11.99
N THR A 224 -2.28 9.05 13.00
CA THR A 224 -2.61 9.43 14.37
C THR A 224 -2.04 10.81 14.71
N LEU A 225 -0.94 11.21 14.07
CA LEU A 225 -0.42 12.56 14.30
C LEU A 225 -1.33 13.61 13.68
N ALA A 226 -1.86 13.35 12.49
CA ALA A 226 -2.82 14.30 11.94
C ALA A 226 -4.02 14.46 12.87
N GLY A 227 -4.52 13.35 13.43
CA GLY A 227 -5.61 13.47 14.41
C GLY A 227 -5.20 14.25 15.64
N PHE A 228 -3.96 14.06 16.09
CA PHE A 228 -3.40 14.76 17.25
C PHE A 228 -3.36 16.27 17.01
N LEU A 229 -2.95 16.68 15.80
CA LEU A 229 -2.90 18.11 15.46
C LEU A 229 -4.30 18.72 15.39
N GLU A 230 -5.24 18.01 14.78
CA GLU A 230 -6.64 18.44 14.74
C GLU A 230 -7.22 18.56 16.15
N PHE A 231 -6.87 17.61 17.02
CA PHE A 231 -7.27 17.60 18.42
C PHE A 231 -6.69 18.79 19.18
N TRP A 232 -5.39 19.07 18.97
CA TRP A 232 -4.78 20.27 19.53
C TRP A 232 -5.50 21.52 19.08
N SER A 233 -5.81 21.60 17.80
CA SER A 233 -6.45 22.80 17.25
C SER A 233 -7.81 23.04 17.90
N LYS A 234 -8.61 21.98 18.04
CA LYS A 234 -9.90 22.10 18.73
C LYS A 234 -9.72 22.61 20.15
N LYS A 235 -8.73 22.08 20.88
CA LYS A 235 -8.50 22.58 22.24
C LYS A 235 -8.15 24.06 22.24
N THR A 236 -7.33 24.53 21.27
CA THR A 236 -6.96 25.94 21.29
C THR A 236 -8.12 26.85 20.96
N ASN A 237 -9.11 26.38 20.20
CA ASN A 237 -10.21 27.22 19.75
C ASN A 237 -11.50 27.05 20.55
N GLU A 238 -11.55 26.13 21.50
CA GLU A 238 -12.80 25.86 22.20
C GLU A 238 -13.28 27.02 23.08
N TRP B 1 -12.10 -12.36 -16.33
CA TRP B 1 -12.42 -12.49 -14.93
C TRP B 1 -13.57 -11.55 -14.50
N ASP B 10 -20.98 -6.67 -9.33
CA ASP B 10 -19.84 -6.07 -8.64
C ASP B 10 -18.69 -7.06 -8.45
N VAL B 11 -18.36 -7.76 -9.54
CA VAL B 11 -17.17 -8.59 -9.56
C VAL B 11 -15.93 -7.70 -9.50
N ASN B 12 -14.96 -8.09 -8.67
CA ASN B 12 -13.75 -7.26 -8.49
C ASN B 12 -12.49 -8.10 -8.62
N THR B 13 -12.56 -9.18 -9.39
CA THR B 13 -11.43 -10.10 -9.53
C THR B 13 -10.19 -9.39 -10.07
N HIS B 14 -10.37 -8.47 -11.02
CA HIS B 14 -9.23 -7.79 -11.64
C HIS B 14 -8.47 -6.93 -10.64
N TYR B 15 -9.16 -6.08 -9.89
CA TYR B 15 -8.50 -5.30 -8.86
C TYR B 15 -7.88 -6.20 -7.80
N TRP B 16 -8.58 -7.27 -7.45
CA TRP B 16 -8.06 -8.23 -6.47
C TRP B 16 -6.74 -8.82 -6.94
N LEU B 17 -6.64 -9.17 -8.23
CA LEU B 17 -5.37 -9.69 -8.75
C LEU B 17 -4.24 -8.68 -8.59
N PHE B 18 -4.52 -7.40 -8.89
CA PHE B 18 -3.55 -6.34 -8.68
C PHE B 18 -3.13 -6.25 -7.22
N LYS B 19 -4.09 -6.37 -6.29
CA LYS B 19 -3.71 -6.30 -4.89
C LYS B 19 -2.86 -7.50 -4.48
N GLN B 20 -3.17 -8.69 -5.02
CA GLN B 20 -2.38 -9.87 -4.69
C GLN B 20 -0.97 -9.75 -5.24
N ALA B 21 -0.84 -9.22 -6.45
CA ALA B 21 0.48 -9.00 -7.04
C ALA B 21 1.29 -8.01 -6.21
N GLU B 22 0.64 -6.96 -5.69
CA GLU B 22 1.34 -6.03 -4.81
C GLU B 22 1.89 -6.74 -3.57
N LYS B 23 1.12 -7.66 -3.00
CA LYS B 23 1.61 -8.42 -1.85
C LYS B 23 2.85 -9.23 -2.22
N ILE B 24 2.87 -9.81 -3.42
CA ILE B 24 4.03 -10.61 -3.84
C ILE B 24 5.27 -9.72 -3.93
N LEU B 25 5.11 -8.50 -4.47
CA LEU B 25 6.26 -7.60 -4.53
C LEU B 25 6.72 -7.19 -3.13
N ALA B 26 5.78 -6.86 -2.24
CA ALA B 26 6.12 -6.33 -0.93
C ALA B 26 6.79 -7.37 -0.03
N LYS B 27 6.40 -8.65 -0.15
CA LYS B 27 6.89 -9.65 0.80
C LYS B 27 8.38 -9.93 0.62
N ASP B 28 8.91 -9.74 -0.59
CA ASP B 28 10.32 -9.92 -0.92
C ASP B 28 10.90 -8.60 -1.45
N VAL B 29 10.97 -7.60 -0.58
CA VAL B 29 11.35 -6.26 -1.05
C VAL B 29 12.82 -6.24 -1.46
N ASN B 30 13.10 -5.38 -2.44
CA ASN B 30 14.47 -5.08 -2.94
C ASN B 30 14.43 -3.58 -3.30
N HIS B 31 15.55 -3.00 -3.75
CA HIS B 31 15.59 -1.54 -4.01
C HIS B 31 14.56 -1.05 -5.04
N MET B 32 14.54 -1.64 -6.22
CA MET B 32 13.63 -1.13 -7.28
C MET B 32 12.19 -1.44 -6.88
N ARG B 33 11.96 -2.57 -6.21
CA ARG B 33 10.56 -2.81 -5.90
C ARG B 33 10.06 -1.82 -4.86
N ALA B 34 10.93 -1.32 -3.99
CA ALA B 34 10.49 -0.40 -2.96
C ALA B 34 9.99 0.90 -3.61
N ASN B 35 10.70 1.38 -4.63
CA ASN B 35 10.29 2.59 -5.34
C ASN B 35 8.97 2.37 -6.08
N LEU B 36 8.84 1.22 -6.74
CA LEU B 36 7.61 0.90 -7.46
C LEU B 36 6.43 0.82 -6.50
N MET B 37 6.61 0.13 -5.37
CA MET B 37 5.53 -0.02 -4.38
C MET B 37 5.05 1.31 -3.84
N ASN B 38 5.97 2.24 -3.61
CA ASN B 38 5.54 3.55 -3.12
C ASN B 38 4.66 4.26 -4.16
N GLU B 39 5.01 4.15 -5.45
CA GLU B 39 4.20 4.72 -6.53
C GLU B 39 2.83 4.07 -6.63
N LEU B 40 2.80 2.73 -6.63
CA LEU B 40 1.53 2.02 -6.75
C LEU B 40 0.59 2.40 -5.61
N LYS B 41 1.14 2.59 -4.41
CA LYS B 41 0.31 2.99 -3.28
C LYS B 41 -0.20 4.42 -3.47
N LYS B 42 0.69 5.33 -3.88
CA LYS B 42 0.30 6.73 -4.00
C LYS B 42 -0.73 6.93 -5.12
N PHE B 43 -0.61 6.17 -6.21
CA PHE B 43 -1.51 6.29 -7.36
C PHE B 43 -2.55 5.17 -7.41
N ASP B 44 -2.90 4.60 -6.25
CA ASP B 44 -3.88 3.51 -6.25
C ASP B 44 -5.19 3.92 -6.89
N LYS B 45 -5.67 5.13 -6.60
CA LYS B 45 -6.97 5.55 -7.11
C LYS B 45 -6.97 5.65 -8.63
N GLN B 46 -5.89 6.18 -9.19
CA GLN B 46 -5.74 6.27 -10.64
C GLN B 46 -5.66 4.89 -11.28
N ILE B 47 -4.87 3.98 -10.68
CA ILE B 47 -4.78 2.61 -11.21
C ILE B 47 -6.12 1.91 -11.11
N ALA B 48 -6.79 2.03 -9.97
CA ALA B 48 -8.08 1.38 -9.74
C ALA B 48 -9.12 1.88 -10.73
N GLN B 49 -9.09 3.16 -11.07
CA GLN B 49 -10.06 3.70 -12.02
C GLN B 49 -9.81 3.17 -13.42
N GLY B 50 -8.54 3.09 -13.84
CA GLY B 50 -8.21 2.45 -15.09
C GLY B 50 -8.70 1.02 -15.16
N ILE B 51 -8.48 0.25 -14.09
CA ILE B 51 -8.95 -1.14 -14.06
C ILE B 51 -10.46 -1.19 -14.19
N TYR B 52 -11.15 -0.36 -13.41
CA TYR B 52 -12.60 -0.34 -13.39
C TYR B 52 -13.17 0.11 -14.72
N ASP B 53 -12.57 1.12 -15.33
CA ASP B 53 -13.14 1.64 -16.57
C ASP B 53 -13.04 0.59 -17.68
N ALA B 54 -11.92 -0.12 -17.76
CA ALA B 54 -11.81 -1.20 -18.72
C ALA B 54 -12.72 -2.38 -18.38
N ASP B 55 -13.01 -2.56 -17.09
CA ASP B 55 -13.72 -3.72 -16.58
C ASP B 55 -15.23 -3.65 -16.81
N HIS B 56 -15.82 -2.49 -16.50
CA HIS B 56 -17.26 -2.34 -16.44
C HIS B 56 -17.84 -1.43 -17.51
N LYS B 57 -17.01 -0.65 -18.20
CA LYS B 57 -17.49 0.24 -19.26
C LYS B 57 -17.11 -0.29 -20.63
N ASN B 58 -15.81 -0.44 -20.88
CA ASN B 58 -15.31 -0.75 -22.21
C ASN B 58 -15.94 -1.98 -22.88
N PRO B 59 -16.18 -3.11 -22.20
CA PRO B 59 -16.65 -4.31 -22.93
C PRO B 59 -18.01 -4.13 -23.62
N TYR B 60 -18.83 -3.16 -23.21
CA TYR B 60 -20.23 -3.10 -23.58
C TYR B 60 -20.54 -1.98 -24.59
N TYR B 61 -19.54 -1.32 -25.16
CA TYR B 61 -19.81 -0.21 -26.06
C TYR B 61 -20.23 -0.69 -27.45
N ASP B 62 -19.52 -1.67 -28.01
CA ASP B 62 -19.90 -2.36 -29.24
C ASP B 62 -19.05 -3.63 -29.34
N THR B 63 -19.13 -4.31 -30.48
CA THR B 63 -18.40 -5.56 -30.65
C THR B 63 -16.90 -5.33 -30.80
N SER B 64 -16.49 -4.16 -31.30
CA SER B 64 -15.06 -3.83 -31.39
C SER B 64 -14.44 -3.78 -30.00
N THR B 65 -15.10 -3.09 -29.06
CA THR B 65 -14.57 -3.01 -27.71
C THR B 65 -14.69 -4.34 -26.98
N PHE B 66 -15.74 -5.10 -27.28
CA PHE B 66 -15.91 -6.43 -26.67
C PHE B 66 -14.77 -7.35 -27.11
N LEU B 67 -14.47 -7.38 -28.42
CA LEU B 67 -13.37 -8.19 -28.92
C LEU B 67 -12.02 -7.80 -28.30
N SER B 68 -11.88 -6.55 -27.84
CA SER B 68 -10.60 -6.11 -27.31
C SER B 68 -10.22 -6.80 -26.00
N HIS B 69 -11.12 -7.57 -25.41
CA HIS B 69 -10.88 -8.29 -24.18
C HIS B 69 -10.44 -9.73 -24.42
N PHE B 70 -10.37 -10.15 -25.68
CA PHE B 70 -10.01 -11.50 -26.04
C PHE B 70 -8.76 -11.49 -26.91
N TYR B 71 -7.92 -12.51 -26.74
CA TYR B 71 -6.76 -12.72 -27.61
C TYR B 71 -6.43 -14.21 -27.59
N ASN B 72 -6.69 -14.90 -28.69
CA ASN B 72 -6.30 -16.30 -28.82
C ASN B 72 -4.90 -16.33 -29.41
N PRO B 73 -3.88 -16.73 -28.63
CA PRO B 73 -2.51 -16.62 -29.12
C PRO B 73 -2.18 -17.56 -30.25
N ASP B 74 -3.03 -18.55 -30.53
CA ASP B 74 -2.78 -19.49 -31.62
C ASP B 74 -3.59 -19.16 -32.86
N ARG B 75 -4.34 -18.05 -32.85
CA ARG B 75 -5.16 -17.66 -33.98
C ARG B 75 -4.99 -16.20 -34.34
N ASP B 76 -5.23 -15.30 -33.37
CA ASP B 76 -5.33 -13.86 -33.62
C ASP B 76 -4.04 -13.28 -34.20
N ASN B 77 -3.60 -13.80 -35.35
CA ASN B 77 -2.39 -13.36 -36.01
C ASN B 77 -2.50 -11.91 -36.49
N THR B 78 -2.93 -11.72 -37.73
CA THR B 78 -2.97 -10.38 -38.30
C THR B 78 -4.05 -9.53 -37.66
N TYR B 79 -3.77 -8.24 -37.56
CA TYR B 79 -4.73 -7.27 -37.06
C TYR B 79 -5.62 -6.82 -38.22
N LEU B 80 -6.92 -7.12 -38.13
CA LEU B 80 -7.87 -6.57 -39.08
C LEU B 80 -8.29 -5.19 -38.60
N PRO B 81 -8.11 -4.14 -39.42
CA PRO B 81 -8.48 -2.77 -39.00
C PRO B 81 -9.82 -2.66 -38.27
N GLY B 82 -9.83 -1.88 -37.20
CA GLY B 82 -10.98 -1.67 -36.37
C GLY B 82 -11.32 -2.82 -35.45
N PHE B 83 -10.53 -3.91 -35.49
CA PHE B 83 -10.75 -5.09 -34.66
C PHE B 83 -9.58 -5.40 -33.73
N ALA B 84 -9.16 -4.46 -32.88
CA ALA B 84 -8.02 -4.72 -32.03
C ALA B 84 -8.35 -5.77 -30.96
N ASN B 85 -7.45 -6.72 -30.76
CA ASN B 85 -7.61 -7.72 -29.72
C ASN B 85 -6.95 -7.26 -28.42
N ALA B 86 -6.89 -8.14 -27.42
CA ALA B 86 -6.37 -7.74 -26.12
C ALA B 86 -4.86 -7.56 -26.12
N LYS B 87 -4.15 -8.27 -27.00
CA LYS B 87 -2.70 -8.08 -27.09
C LYS B 87 -2.39 -6.70 -27.64
N ILE B 88 -3.06 -6.31 -28.74
CA ILE B 88 -2.86 -5.00 -29.35
C ILE B 88 -3.27 -3.90 -28.37
N THR B 89 -4.47 -4.03 -27.79
CA THR B 89 -4.97 -2.98 -26.93
C THR B 89 -4.18 -2.89 -25.63
N GLY B 90 -3.85 -4.05 -25.04
CA GLY B 90 -3.06 -4.03 -23.83
C GLY B 90 -1.71 -3.41 -24.06
N ALA B 91 -1.07 -3.72 -25.20
CA ALA B 91 0.25 -3.17 -25.47
C ALA B 91 0.18 -1.67 -25.72
N LYS B 92 -0.86 -1.20 -26.40
CA LYS B 92 -1.08 0.23 -26.60
C LYS B 92 -1.07 0.98 -25.27
N TYR B 93 -1.88 0.53 -24.30
CA TYR B 93 -1.99 1.32 -23.09
C TYR B 93 -0.74 1.19 -22.27
N PHE B 94 -0.14 0.00 -22.24
CA PHE B 94 1.11 -0.17 -21.52
C PHE B 94 2.17 0.78 -22.07
N ASN B 95 2.33 0.80 -23.39
CA ASN B 95 3.39 1.59 -23.98
C ASN B 95 3.13 3.09 -23.82
N GLN B 96 1.88 3.51 -23.96
CA GLN B 96 1.56 4.92 -23.70
C GLN B 96 1.82 5.28 -22.24
N SER B 97 1.43 4.41 -21.30
CA SER B 97 1.69 4.73 -19.90
C SER B 97 3.18 4.93 -19.63
N VAL B 98 4.04 4.10 -20.24
CA VAL B 98 5.48 4.25 -20.04
C VAL B 98 5.94 5.60 -20.58
N THR B 99 5.47 5.95 -21.80
CA THR B 99 5.82 7.24 -22.39
C THR B 99 5.34 8.41 -21.52
N ASP B 100 4.08 8.36 -21.08
CA ASP B 100 3.55 9.42 -20.21
C ASP B 100 4.36 9.54 -18.93
N TYR B 101 4.65 8.41 -18.28
CA TYR B 101 5.46 8.43 -17.07
C TYR B 101 6.78 9.15 -17.32
N ARG B 102 7.49 8.76 -18.39
CA ARG B 102 8.80 9.32 -18.68
C ARG B 102 8.72 10.80 -19.08
N GLU B 103 7.54 11.28 -19.47
CA GLU B 103 7.32 12.71 -19.69
C GLU B 103 6.76 13.41 -18.46
N GLY B 104 6.65 12.75 -17.35
CA GLY B 104 6.11 13.37 -16.16
C GLY B 104 4.61 13.53 -16.00
N LYS B 105 3.83 12.90 -16.85
CA LYS B 105 2.38 12.92 -16.78
C LYS B 105 1.94 11.74 -15.95
N PHE B 106 2.20 11.80 -14.67
CA PHE B 106 1.96 10.68 -13.80
C PHE B 106 0.51 10.26 -13.61
N ASP B 107 -0.38 11.20 -13.49
CA ASP B 107 -1.77 10.86 -13.29
C ASP B 107 -2.26 10.02 -14.48
N THR B 108 -1.98 10.46 -15.68
CA THR B 108 -2.41 9.76 -16.87
C THR B 108 -1.66 8.43 -16.99
N ALA B 109 -0.39 8.46 -16.71
CA ALA B 109 0.40 7.25 -16.75
C ALA B 109 -0.20 6.16 -15.90
N PHE B 110 -0.49 6.48 -14.65
CA PHE B 110 -0.95 5.42 -13.78
C PHE B 110 -2.38 4.99 -14.10
N TYR B 111 -3.21 5.90 -14.60
CA TYR B 111 -4.52 5.49 -15.12
C TYR B 111 -4.36 4.49 -16.25
N LYS B 112 -3.50 4.81 -17.22
CA LYS B 112 -3.31 3.91 -18.36
C LYS B 112 -2.64 2.63 -17.93
N LEU B 113 -1.80 2.66 -16.89
CA LEU B 113 -1.32 1.41 -16.30
C LEU B 113 -2.47 0.55 -15.83
N GLY B 114 -3.47 1.16 -15.18
CA GLY B 114 -4.65 0.40 -14.78
C GLY B 114 -5.36 -0.23 -15.96
N LEU B 115 -5.50 0.52 -17.06
CA LEU B 115 -6.09 -0.05 -18.28
C LEU B 115 -5.30 -1.26 -18.77
N ALA B 116 -3.96 -1.11 -18.84
CA ALA B 116 -3.11 -2.21 -19.29
C ALA B 116 -3.22 -3.42 -18.35
N ILE B 117 -3.33 -3.18 -17.04
CA ILE B 117 -3.50 -4.29 -16.11
C ILE B 117 -4.78 -5.07 -16.42
N HIS B 118 -5.86 -4.37 -16.79
CA HIS B 118 -7.10 -5.10 -17.09
C HIS B 118 -6.92 -6.04 -18.27
N TYR B 119 -6.35 -5.54 -19.37
CA TYR B 119 -6.20 -6.37 -20.56
C TYR B 119 -5.23 -7.53 -20.30
N TYR B 120 -4.14 -7.26 -19.61
CA TYR B 120 -3.18 -8.32 -19.29
C TYR B 120 -3.81 -9.41 -18.42
N THR B 121 -4.60 -9.01 -17.39
CA THR B 121 -5.23 -10.02 -16.55
C THR B 121 -6.42 -10.67 -17.24
N ASP B 122 -7.07 -9.96 -18.17
CA ASP B 122 -8.20 -10.60 -18.84
C ASP B 122 -7.77 -11.85 -19.58
N ILE B 123 -6.61 -11.79 -20.24
CA ILE B 123 -6.21 -12.95 -21.04
C ILE B 123 -5.47 -13.96 -20.18
N SER B 124 -5.41 -13.73 -18.87
CA SER B 124 -5.03 -14.84 -18.00
C SER B 124 -6.22 -15.74 -17.65
N GLN B 125 -7.42 -15.40 -18.14
CA GLN B 125 -8.61 -16.23 -17.97
C GLN B 125 -8.75 -17.13 -19.19
N PRO B 126 -8.74 -18.47 -19.04
CA PRO B 126 -8.67 -19.36 -20.22
C PRO B 126 -9.71 -19.09 -21.30
N MET B 127 -10.93 -18.76 -20.93
CA MET B 127 -11.94 -18.47 -21.93
C MET B 127 -11.52 -17.30 -22.82
N HIS B 128 -10.86 -16.29 -22.22
CA HIS B 128 -10.47 -15.11 -23.00
C HIS B 128 -9.31 -15.41 -23.94
N ALA B 129 -8.56 -16.48 -23.70
CA ALA B 129 -7.49 -16.90 -24.58
C ALA B 129 -7.94 -17.91 -25.62
N ASN B 130 -9.24 -18.24 -25.69
CA ASN B 130 -9.69 -19.25 -26.63
C ASN B 130 -11.06 -18.94 -27.22
N ASN B 131 -11.39 -17.66 -27.35
CA ASN B 131 -12.62 -17.20 -28.03
C ASN B 131 -13.88 -17.84 -27.43
N PHE B 132 -13.89 -18.05 -26.12
CA PHE B 132 -15.09 -18.57 -25.47
C PHE B 132 -15.81 -17.38 -24.82
N THR B 133 -16.86 -16.90 -25.48
CA THR B 133 -17.60 -15.72 -25.06
C THR B 133 -18.87 -16.14 -24.31
N ALA B 134 -19.67 -15.13 -23.92
CA ALA B 134 -20.94 -15.40 -23.24
C ALA B 134 -21.96 -16.12 -24.12
N ILE B 135 -21.81 -16.05 -25.44
CA ILE B 135 -22.73 -16.71 -26.38
C ILE B 135 -22.14 -18.00 -26.95
N SER B 136 -20.91 -18.35 -26.60
CA SER B 136 -20.38 -19.66 -26.94
C SER B 136 -21.18 -20.73 -26.22
N TYR B 137 -21.18 -21.94 -26.79
CA TYR B 137 -21.99 -23.00 -26.19
C TYR B 137 -21.26 -23.63 -25.01
N PRO B 138 -21.93 -23.82 -23.85
CA PRO B 138 -23.32 -23.43 -23.61
C PRO B 138 -23.45 -21.96 -23.24
N PRO B 139 -24.42 -21.26 -23.83
CA PRO B 139 -24.56 -19.82 -23.57
C PRO B 139 -24.78 -19.56 -22.08
N GLY B 140 -24.07 -18.55 -21.57
CA GLY B 140 -24.16 -18.18 -20.17
C GLY B 140 -23.09 -18.77 -19.27
N TYR B 141 -22.38 -19.82 -19.72
CA TYR B 141 -21.37 -20.43 -18.87
C TYR B 141 -20.23 -19.48 -18.60
N HIS B 142 -19.84 -18.67 -19.60
CA HIS B 142 -18.80 -17.68 -19.40
C HIS B 142 -19.10 -16.80 -18.18
N SER B 143 -20.27 -16.16 -18.16
CA SER B 143 -20.60 -15.24 -17.06
C SER B 143 -20.82 -15.99 -15.76
N ALA B 144 -21.48 -17.15 -15.81
CA ALA B 144 -21.65 -17.96 -14.60
C ALA B 144 -20.29 -18.30 -13.99
N TYR B 145 -19.31 -18.69 -14.83
CA TYR B 145 -17.99 -19.03 -14.33
C TYR B 145 -17.30 -17.82 -13.69
N GLU B 146 -17.33 -16.67 -14.36
CA GLU B 146 -16.63 -15.51 -13.80
C GLU B 146 -17.30 -15.03 -12.51
N ASN B 147 -18.63 -15.10 -12.43
CA ASN B 147 -19.29 -14.74 -11.18
C ASN B 147 -18.90 -15.68 -10.06
N TYR B 148 -18.79 -16.98 -10.38
CA TYR B 148 -18.38 -17.98 -9.40
C TYR B 148 -16.97 -17.72 -8.91
N VAL B 149 -16.05 -17.44 -9.84
CA VAL B 149 -14.66 -17.17 -9.45
C VAL B 149 -14.60 -16.02 -8.45
N ASP B 150 -15.37 -14.96 -8.71
CA ASP B 150 -15.42 -13.82 -7.79
C ASP B 150 -15.75 -14.27 -6.37
N THR B 151 -16.69 -15.22 -6.22
CA THR B 151 -17.08 -15.60 -4.86
C THR B 151 -16.02 -16.47 -4.20
N ILE B 152 -15.14 -17.13 -4.95
CA ILE B 152 -14.20 -18.04 -4.31
C ILE B 152 -12.75 -17.60 -4.42
N LYS B 153 -12.44 -16.48 -5.09
CA LYS B 153 -11.05 -16.08 -5.23
C LYS B 153 -10.37 -15.87 -3.88
N HIS B 154 -11.12 -15.47 -2.84
CA HIS B 154 -10.48 -15.19 -1.56
C HIS B 154 -9.80 -16.39 -0.94
N ASN B 155 -10.06 -17.60 -1.43
CA ASN B 155 -9.36 -18.80 -0.98
C ASN B 155 -8.00 -18.98 -1.63
N TYR B 156 -7.62 -18.12 -2.56
CA TYR B 156 -6.39 -18.26 -3.33
C TYR B 156 -5.60 -16.96 -3.32
N GLN B 157 -5.51 -16.36 -2.15
CA GLN B 157 -4.71 -15.15 -2.00
C GLN B 157 -3.24 -15.47 -2.14
N ALA B 158 -2.42 -14.43 -2.23
CA ALA B 158 -0.99 -14.61 -2.41
C ALA B 158 -0.42 -15.35 -1.21
N THR B 159 0.55 -16.22 -1.46
CA THR B 159 1.19 -17.02 -0.42
C THR B 159 2.69 -16.74 -0.41
N GLU B 160 3.35 -17.15 0.68
CA GLU B 160 4.74 -16.79 0.89
C GLU B 160 5.67 -17.43 -0.15
N ASP B 161 5.28 -18.57 -0.71
CA ASP B 161 6.13 -19.27 -1.67
C ASP B 161 6.13 -18.64 -3.06
N MET B 162 5.23 -17.71 -3.35
CA MET B 162 5.08 -17.17 -4.70
C MET B 162 6.23 -16.23 -5.06
N VAL B 163 6.44 -16.08 -6.37
CA VAL B 163 7.44 -15.16 -6.89
C VAL B 163 6.82 -14.37 -8.03
N ALA B 164 7.43 -13.24 -8.35
CA ALA B 164 7.07 -12.56 -9.59
C ALA B 164 7.59 -13.39 -10.75
N LYS B 165 6.73 -13.72 -11.69
CA LYS B 165 7.10 -14.48 -12.88
C LYS B 165 7.34 -13.51 -14.02
N ARG B 166 8.43 -13.72 -14.75
CA ARG B 166 8.84 -12.82 -15.82
C ARG B 166 8.85 -13.61 -17.12
N PHE B 167 8.77 -12.88 -18.22
CA PHE B 167 8.97 -13.48 -19.53
C PHE B 167 10.21 -12.84 -20.16
N SER B 168 10.83 -13.57 -21.08
CA SER B 168 12.14 -13.18 -21.59
C SER B 168 11.96 -12.32 -22.85
N SER B 169 11.65 -11.05 -22.62
CA SER B 169 11.46 -10.12 -23.73
C SER B 169 11.44 -8.70 -23.17
N ASP B 170 11.92 -7.75 -23.98
CA ASP B 170 11.77 -6.33 -23.66
C ASP B 170 10.52 -5.71 -24.29
N ASP B 171 9.67 -6.53 -24.90
CA ASP B 171 8.49 -6.08 -25.63
C ASP B 171 7.24 -6.62 -24.95
N VAL B 172 6.37 -5.72 -24.48
CA VAL B 172 5.19 -6.13 -23.72
C VAL B 172 4.24 -6.99 -24.55
N LYS B 173 4.24 -6.85 -25.88
CA LYS B 173 3.43 -7.73 -26.73
C LYS B 173 3.67 -9.20 -26.40
N ASP B 174 4.95 -9.55 -26.16
CA ASP B 174 5.34 -10.92 -25.84
C ASP B 174 4.92 -11.33 -24.45
N TRP B 175 4.92 -10.40 -23.50
CA TRP B 175 4.34 -10.70 -22.19
C TRP B 175 2.87 -11.03 -22.32
N LEU B 176 2.12 -10.26 -23.12
CA LEU B 176 0.70 -10.55 -23.34
C LEU B 176 0.52 -11.92 -24.01
N TYR B 177 1.33 -12.20 -25.03
CA TYR B 177 1.27 -13.49 -25.71
C TYR B 177 1.52 -14.64 -24.74
N GLU B 178 2.57 -14.53 -23.93
CA GLU B 178 2.93 -15.64 -23.04
C GLU B 178 1.91 -15.82 -21.92
N ASN B 179 1.36 -14.71 -21.40
CA ASN B 179 0.32 -14.85 -20.36
C ASN B 179 -0.90 -15.56 -20.94
N ALA B 180 -1.29 -15.21 -22.17
CA ALA B 180 -2.44 -15.88 -22.79
C ALA B 180 -2.16 -17.34 -23.10
N LYS B 181 -0.93 -17.67 -23.51
CA LYS B 181 -0.58 -19.07 -23.75
C LYS B 181 -0.75 -19.91 -22.50
N ARG B 182 -0.32 -19.40 -21.35
CA ARG B 182 -0.48 -20.14 -20.10
C ARG B 182 -1.95 -20.35 -19.78
N ALA B 183 -2.77 -19.32 -19.99
CA ALA B 183 -4.21 -19.44 -19.73
C ALA B 183 -4.85 -20.45 -20.69
N LYS B 184 -4.49 -20.38 -21.97
CA LYS B 184 -5.06 -21.31 -22.93
C LYS B 184 -4.74 -22.75 -22.57
N ALA B 185 -3.54 -22.98 -22.01
CA ALA B 185 -3.18 -24.34 -21.61
C ALA B 185 -4.14 -24.89 -20.56
N ASP B 186 -4.79 -24.03 -19.77
CA ASP B 186 -5.72 -24.46 -18.74
C ASP B 186 -7.16 -24.50 -19.22
N TYR B 187 -7.43 -24.10 -20.45
CA TYR B 187 -8.79 -24.11 -20.94
C TYR B 187 -9.48 -25.47 -20.80
N PRO B 188 -8.83 -26.62 -21.10
CA PRO B 188 -9.54 -27.90 -20.98
C PRO B 188 -9.98 -28.24 -19.56
N LYS B 189 -9.37 -27.62 -18.54
CA LYS B 189 -9.78 -27.85 -17.16
C LYS B 189 -11.05 -27.08 -16.80
N ILE B 190 -11.42 -26.10 -17.61
CA ILE B 190 -12.54 -25.21 -17.35
C ILE B 190 -13.72 -25.51 -18.28
N VAL B 191 -13.44 -25.70 -19.56
CA VAL B 191 -14.47 -25.99 -20.55
C VAL B 191 -14.18 -27.39 -21.06
N ASN B 192 -14.99 -28.36 -20.66
CA ASN B 192 -14.83 -29.72 -21.14
C ASN B 192 -16.21 -30.39 -21.14
N ALA B 193 -16.27 -31.61 -21.69
CA ALA B 193 -17.56 -32.31 -21.77
C ALA B 193 -18.23 -32.39 -20.41
N LYS B 194 -17.46 -32.64 -19.36
CA LYS B 194 -18.04 -32.78 -18.04
C LYS B 194 -18.62 -31.46 -17.54
N THR B 195 -17.83 -30.37 -17.55
CA THR B 195 -18.34 -29.10 -17.02
C THR B 195 -19.50 -28.57 -17.84
N LYS B 196 -19.45 -28.72 -19.16
CA LYS B 196 -20.55 -28.21 -19.98
C LYS B 196 -21.85 -28.92 -19.68
N LYS B 197 -21.81 -30.25 -19.51
CA LYS B 197 -23.03 -30.98 -19.19
C LYS B 197 -23.52 -30.64 -17.79
N SER B 198 -22.60 -30.48 -16.84
CA SER B 198 -22.98 -30.07 -15.50
C SER B 198 -23.69 -28.72 -15.50
N TYR B 199 -23.13 -27.73 -16.20
CA TYR B 199 -23.76 -26.40 -16.23
C TYR B 199 -25.13 -26.45 -16.88
N LEU B 200 -25.32 -27.30 -17.89
CA LEU B 200 -26.63 -27.38 -18.54
C LEU B 200 -27.64 -28.07 -17.64
N VAL B 201 -27.24 -29.16 -16.96
CA VAL B 201 -28.16 -29.90 -16.12
C VAL B 201 -28.56 -29.07 -14.91
N GLY B 202 -27.73 -28.11 -14.51
CA GLY B 202 -28.06 -27.25 -13.40
C GLY B 202 -27.55 -27.70 -12.06
N ASN B 203 -26.64 -28.67 -12.01
CA ASN B 203 -26.02 -29.04 -10.75
C ASN B 203 -24.72 -28.26 -10.57
N SER B 204 -24.11 -28.40 -9.41
CA SER B 204 -22.94 -27.61 -9.08
C SER B 204 -21.64 -28.38 -9.28
N GLU B 205 -21.68 -29.48 -10.03
CA GLU B 205 -20.46 -30.26 -10.21
C GLU B 205 -19.40 -29.43 -10.93
N TRP B 206 -19.81 -28.56 -11.87
CA TRP B 206 -18.82 -27.77 -12.57
C TRP B 206 -18.06 -26.86 -11.60
N LYS B 207 -18.73 -26.41 -10.54
CA LYS B 207 -18.06 -25.59 -9.52
C LYS B 207 -17.03 -26.41 -8.76
N LYS B 208 -17.38 -27.64 -8.37
CA LYS B 208 -16.39 -28.48 -7.71
C LYS B 208 -15.28 -28.90 -8.68
N ASP B 209 -15.62 -29.12 -9.95
CA ASP B 209 -14.62 -29.53 -10.92
C ASP B 209 -13.63 -28.43 -11.27
N THR B 210 -14.05 -27.17 -11.25
CA THR B 210 -13.18 -26.08 -11.70
C THR B 210 -12.52 -25.30 -10.56
N VAL B 211 -12.90 -25.52 -9.30
CA VAL B 211 -12.42 -24.63 -8.23
C VAL B 211 -10.90 -24.73 -8.09
N GLU B 212 -10.35 -25.93 -8.02
CA GLU B 212 -8.90 -26.01 -7.83
C GLU B 212 -8.12 -25.56 -9.07
N PRO B 213 -8.52 -25.96 -10.29
CA PRO B 213 -7.86 -25.36 -11.48
C PRO B 213 -8.01 -23.84 -11.54
N THR B 214 -9.16 -23.29 -11.11
CA THR B 214 -9.31 -21.84 -11.02
C THR B 214 -8.30 -21.26 -10.04
N GLY B 215 -8.13 -21.90 -8.89
CA GLY B 215 -7.19 -21.38 -7.91
C GLY B 215 -5.77 -21.39 -8.43
N ALA B 216 -5.38 -22.45 -9.15
CA ALA B 216 -4.06 -22.47 -9.75
C ALA B 216 -3.90 -21.37 -10.81
N ARG B 217 -4.94 -21.14 -11.62
CA ARG B 217 -4.88 -20.09 -12.63
C ARG B 217 -4.78 -18.71 -11.98
N LEU B 218 -5.58 -18.46 -10.95
CA LEU B 218 -5.49 -17.17 -10.26
C LEU B 218 -4.13 -16.97 -9.62
N ARG B 219 -3.57 -18.02 -9.00
CA ARG B 219 -2.27 -17.86 -8.38
C ARG B 219 -1.18 -17.66 -9.42
N ASP B 220 -1.31 -18.29 -10.58
CA ASP B 220 -0.35 -17.99 -11.64
C ASP B 220 -0.52 -16.57 -12.15
N SER B 221 -1.76 -16.12 -12.35
CA SER B 221 -2.00 -14.77 -12.85
C SER B 221 -1.45 -13.71 -11.91
N GLN B 222 -1.63 -13.91 -10.59
CA GLN B 222 -1.03 -12.99 -9.61
C GLN B 222 0.46 -12.85 -9.82
N GLN B 223 1.14 -13.97 -10.04
CA GLN B 223 2.59 -13.98 -10.15
C GLN B 223 3.05 -13.33 -11.46
N THR B 224 2.40 -13.67 -12.58
CA THR B 224 2.79 -13.01 -13.83
C THR B 224 2.43 -11.52 -13.80
N LEU B 225 1.39 -11.13 -13.06
CA LEU B 225 1.08 -9.71 -12.96
C LEU B 225 2.12 -8.98 -12.13
N ALA B 226 2.61 -9.63 -11.07
CA ALA B 226 3.72 -9.03 -10.31
C ALA B 226 4.94 -8.82 -11.20
N GLY B 227 5.27 -9.81 -12.04
CA GLY B 227 6.38 -9.63 -12.98
C GLY B 227 6.10 -8.53 -13.98
N PHE B 228 4.86 -8.45 -14.47
CA PHE B 228 4.44 -7.42 -15.40
C PHE B 228 4.61 -6.03 -14.82
N LEU B 229 4.26 -5.85 -13.53
CA LEU B 229 4.44 -4.54 -12.90
C LEU B 229 5.91 -4.19 -12.76
N GLU B 230 6.74 -5.17 -12.41
CA GLU B 230 8.18 -4.95 -12.32
C GLU B 230 8.75 -4.61 -13.68
N PHE B 231 8.26 -5.28 -14.73
CA PHE B 231 8.65 -4.97 -16.09
C PHE B 231 8.23 -3.54 -16.46
N TRP B 232 7.00 -3.14 -16.09
CA TRP B 232 6.59 -1.76 -16.29
C TRP B 232 7.56 -0.80 -15.64
N SER B 233 7.98 -1.08 -14.40
CA SER B 233 8.91 -0.20 -13.70
C SER B 233 10.24 -0.11 -14.44
N LYS B 234 10.75 -1.28 -14.89
CA LYS B 234 11.96 -1.33 -15.67
C LYS B 234 11.85 -0.51 -16.95
N LYS B 235 10.73 -0.61 -17.66
CA LYS B 235 10.56 0.19 -18.85
C LYS B 235 10.56 1.68 -18.54
N THR B 236 9.92 2.10 -17.43
CA THR B 236 9.93 3.53 -17.11
C THR B 236 11.32 4.01 -16.73
N ASN B 237 12.16 3.13 -16.19
CA ASN B 237 13.49 3.45 -15.68
C ASN B 237 14.60 3.23 -16.70
N GLU B 238 14.26 2.85 -17.93
CA GLU B 238 15.26 2.49 -18.95
C GLU B 238 16.28 3.61 -19.25
#